data_2HPW
#
_entry.id   2HPW
#
_cell.length_a   53.091
_cell.length_b   91.446
_cell.length_c   110.612
_cell.angle_alpha   90.00
_cell.angle_beta   90.00
_cell.angle_gamma   90.00
#
_symmetry.space_group_name_H-M   'I 2 2 2'
#
loop_
_entity.id
_entity.type
_entity.pdbx_description
1 polymer 'Green fluorescent protein'
2 water water
#
_entity_poly.entity_id   1
_entity_poly.type   'polypeptide(L)'
_entity_poly.pdbx_seq_one_letter_code
;MTALTEGAKLFEKEIPYITELEGDVEGMKFIIKGEGTGDATTGTIKAKYICTTGDLPVPWATILSSL(GYS)VFCFAKYP
RHIADFFKSTQPDGYSQDRIISFDNDGQYDVKAKVTYENGTLYNRVTVKGTGFKSNGNILGMRVLYHSPPHAVYILPDRK
NGGMKIEYNKAFDVMGGGHQMARHAQFNKPLGAWEEDYPLYHHLTVWTSFGKDPDDDETDHLTIVEVIKAVDLETYR
;
_entity_poly.pdbx_strand_id   A
#
# COMPACT_ATOMS: atom_id res chain seq x y z
N THR A 5 20.13 -7.44 -6.78
CA THR A 5 21.12 -7.19 -5.68
C THR A 5 21.47 -5.69 -5.52
N GLU A 6 21.73 -5.02 -6.64
CA GLU A 6 22.07 -3.60 -6.63
C GLU A 6 20.95 -2.77 -5.99
N GLY A 7 19.71 -2.98 -6.44
CA GLY A 7 18.56 -2.23 -5.92
C GLY A 7 18.42 -2.36 -4.41
N ALA A 8 18.63 -3.58 -3.88
CA ALA A 8 18.43 -3.80 -2.43
C ALA A 8 19.40 -3.02 -1.57
N LYS A 9 20.60 -2.74 -2.11
CA LYS A 9 21.62 -1.96 -1.37
C LYS A 9 21.12 -0.56 -1.01
N LEU A 10 20.18 -0.05 -1.82
CA LEU A 10 19.63 1.28 -1.61
C LEU A 10 18.78 1.37 -0.35
N PHE A 11 18.39 0.18 0.16
CA PHE A 11 17.44 0.08 1.28
C PHE A 11 18.09 -0.42 2.58
N GLU A 12 19.43 -0.52 2.57
CA GLU A 12 20.17 -1.04 3.74
C GLU A 12 20.13 -0.10 4.96
N LYS A 13 19.70 1.14 4.75
CA LYS A 13 19.44 2.06 5.84
C LYS A 13 18.03 2.65 5.70
N GLU A 14 17.57 3.32 6.76
CA GLU A 14 16.31 4.05 6.71
C GLU A 14 16.43 5.16 5.69
N ILE A 15 15.41 5.31 4.85
CA ILE A 15 15.42 6.36 3.81
C ILE A 15 14.07 7.11 3.80
N PRO A 16 14.05 8.35 3.25
CA PRO A 16 12.79 9.07 3.16
C PRO A 16 11.81 8.37 2.22
N TYR A 17 10.54 8.58 2.51
CA TYR A 17 9.42 7.97 1.84
C TYR A 17 8.35 9.07 1.63
N ILE A 18 8.09 9.38 0.35
CA ILE A 18 7.13 10.44 -0.01
C ILE A 18 6.01 9.80 -0.83
N THR A 19 4.77 10.17 -0.52
CA THR A 19 3.60 9.67 -1.23
C THR A 19 2.82 10.85 -1.82
N GLU A 20 2.37 10.68 -3.06
CA GLU A 20 1.48 11.65 -3.68
C GLU A 20 0.34 10.84 -4.29
N LEU A 21 -0.87 11.09 -3.80
CA LEU A 21 -2.05 10.39 -4.31
C LEU A 21 -3.07 11.40 -4.80
N GLU A 22 -3.55 11.16 -6.03
CA GLU A 22 -4.65 11.93 -6.63
C GLU A 22 -5.87 11.00 -6.73
N GLY A 23 -6.96 11.36 -6.03
CA GLY A 23 -8.14 10.50 -5.97
C GLY A 23 -9.40 11.16 -6.48
N ASP A 24 -10.32 10.33 -6.97
CA ASP A 24 -11.62 10.78 -7.45
C ASP A 24 -12.58 9.64 -7.15
N VAL A 25 -13.41 9.81 -6.11
CA VAL A 25 -14.37 8.80 -5.73
C VAL A 25 -15.75 9.40 -5.93
N GLU A 26 -16.50 8.83 -6.88
CA GLU A 26 -17.84 9.33 -7.23
C GLU A 26 -17.80 10.84 -7.54
N GLY A 27 -16.71 11.30 -8.15
CA GLY A 27 -16.58 12.70 -8.56
C GLY A 27 -15.97 13.58 -7.47
N MET A 28 -15.79 13.03 -6.27
CA MET A 28 -15.20 13.81 -5.18
C MET A 28 -13.72 13.68 -5.32
N LYS A 29 -13.06 14.79 -5.64
CA LYS A 29 -11.62 14.80 -5.90
C LYS A 29 -10.82 15.16 -4.64
N PHE A 30 -9.69 14.48 -4.45
CA PHE A 30 -8.86 14.76 -3.30
C PHE A 30 -7.41 14.50 -3.61
N ILE A 31 -6.53 15.16 -2.87
CA ILE A 31 -5.10 14.94 -2.97
C ILE A 31 -4.55 14.60 -1.58
N ILE A 32 -3.70 13.58 -1.51
CA ILE A 32 -3.03 13.24 -0.28
C ILE A 32 -1.53 13.33 -0.50
N LYS A 33 -0.85 14.03 0.42
CA LYS A 33 0.62 14.07 0.40
C LYS A 33 1.16 13.41 1.66
N GLY A 34 2.06 12.46 1.50
CA GLY A 34 2.65 11.77 2.65
C GLY A 34 4.13 12.07 2.77
N GLU A 35 4.60 12.18 4.01
CA GLU A 35 6.02 12.35 4.28
C GLU A 35 6.38 11.41 5.41
N GLY A 36 7.43 10.63 5.22
CA GLY A 36 7.85 9.68 6.25
C GLY A 36 9.16 9.00 5.94
N THR A 37 9.33 7.80 6.50
CA THR A 37 10.54 7.02 6.29
C THR A 37 10.18 5.55 6.09
N GLY A 38 11.06 4.81 5.43
CA GLY A 38 10.91 3.35 5.36
C GLY A 38 12.24 2.73 5.71
N ASP A 39 12.19 1.70 6.56
CA ASP A 39 13.41 1.03 7.01
C ASP A 39 13.33 -0.48 6.71
N ALA A 40 13.77 -0.86 5.51
CA ALA A 40 13.66 -2.28 5.06
C ALA A 40 14.44 -3.25 5.95
N THR A 41 15.44 -2.75 6.69
CA THR A 41 16.18 -3.66 7.61
C THR A 41 15.24 -4.29 8.64
N THR A 42 14.31 -3.48 9.17
CA THR A 42 13.36 -3.94 10.20
C THR A 42 11.92 -4.13 9.64
N GLY A 43 11.68 -3.65 8.42
CA GLY A 43 10.34 -3.65 7.80
C GLY A 43 9.46 -2.54 8.29
N THR A 44 10.06 -1.48 8.86
CA THR A 44 9.27 -0.44 9.55
C THR A 44 9.03 0.81 8.67
N ILE A 45 7.74 1.12 8.47
CA ILE A 45 7.32 2.32 7.74
C ILE A 45 6.68 3.29 8.72
N LYS A 46 7.08 4.56 8.66
CA LYS A 46 6.47 5.61 9.50
C LYS A 46 6.13 6.77 8.63
N ALA A 47 4.89 7.25 8.71
CA ALA A 47 4.52 8.36 7.85
C ALA A 47 3.33 9.15 8.36
N LYS A 48 3.28 10.41 7.94
CA LYS A 48 2.10 11.24 8.11
C LYS A 48 1.57 11.62 6.73
N TYR A 49 0.27 11.41 6.52
CA TYR A 49 -0.39 11.72 5.25
C TYR A 49 -1.39 12.82 5.49
N ILE A 50 -1.34 13.87 4.67
CA ILE A 50 -2.26 14.99 4.82
C ILE A 50 -3.13 15.06 3.58
N CYS A 51 -4.45 15.18 3.78
CA CYS A 51 -5.33 15.47 2.67
C CYS A 51 -5.25 16.97 2.39
N THR A 52 -4.50 17.33 1.35
CA THR A 52 -4.16 18.77 1.15
C THR A 52 -5.33 19.56 0.53
N THR A 53 -6.35 18.84 0.04
CA THR A 53 -7.52 19.47 -0.57
C THR A 53 -8.64 19.79 0.45
N GLY A 54 -8.49 19.30 1.68
CA GLY A 54 -9.48 19.52 2.73
C GLY A 54 -9.76 18.22 3.45
N ASP A 55 -11.03 17.97 3.76
CA ASP A 55 -11.41 16.73 4.39
C ASP A 55 -11.34 15.59 3.41
N LEU A 56 -10.89 14.43 3.88
CA LEU A 56 -10.90 13.25 3.06
C LEU A 56 -12.35 12.79 2.92
N PRO A 57 -12.85 12.63 1.66
CA PRO A 57 -14.29 12.25 1.46
C PRO A 57 -14.60 10.74 1.52
N VAL A 58 -13.59 9.94 1.89
CA VAL A 58 -13.76 8.51 2.15
C VAL A 58 -13.02 8.17 3.46
N PRO A 59 -13.31 7.00 4.07
CA PRO A 59 -12.58 6.68 5.31
C PRO A 59 -11.06 6.46 5.10
N TRP A 60 -10.24 7.01 6.00
CA TRP A 60 -8.78 6.84 5.93
C TRP A 60 -8.37 5.37 5.79
N ALA A 61 -9.03 4.50 6.54
CA ALA A 61 -8.62 3.08 6.55
C ALA A 61 -8.69 2.49 5.14
N THR A 62 -9.69 2.95 4.34
CA THR A 62 -9.92 2.37 3.00
C THR A 62 -8.88 2.83 1.97
N ILE A 63 -8.17 3.92 2.29
CA ILE A 63 -7.17 4.47 1.38
C ILE A 63 -5.71 4.11 1.75
N LEU A 64 -5.52 3.51 2.94
CA LEU A 64 -4.19 3.15 3.42
C LEU A 64 -3.41 2.30 2.40
N SER A 65 -4.05 1.25 1.84
CA SER A 65 -3.26 0.33 1.00
C SER A 65 -2.81 1.02 -0.30
N SER A 66 -3.54 2.08 -0.71
CA SER A 66 -3.14 2.85 -1.88
C SER A 66 -1.90 3.67 -1.55
N LEU A 67 -1.86 4.25 -0.35
CA LEU A 67 -0.75 5.11 0.09
C LEU A 67 0.55 4.29 0.30
N1 GYS A 68 0.20 2.99 1.15
OG1 GYS A 68 2.50 1.51 3.50
CB1 GYS A 68 1.33 2.19 3.09
CA1 GYS A 68 1.26 2.13 1.57
C1 GYS A 68 0.91 0.79 1.09
N2 GYS A 68 0.28 -0.17 1.86
N3 GYS A 68 1.18 0.35 -0.19
C2 GYS A 68 0.71 -0.86 -0.25
O2 GYS A 68 0.74 -1.63 -1.27
CA2 GYS A 68 0.14 -1.23 1.02
CA3 GYS A 68 1.75 1.09 -1.31
CB2 GYS A 68 -0.49 -2.51 1.33
CG2 GYS A 68 -1.08 -2.88 2.62
CD1 GYS A 68 -1.65 -4.16 2.66
CD2 GYS A 68 -1.13 -2.01 3.73
CE1 GYS A 68 -2.24 -4.61 3.84
CE2 GYS A 68 -1.73 -2.47 4.90
CZ GYS A 68 -2.28 -3.77 4.96
OH GYS A 68 -2.85 -4.23 6.10
C3 GYS A 68 3.15 0.75 -1.71
O3 GYS A 68 3.58 1.17 -2.80
N VAL A 69 4.00 0.46 -0.46
CA VAL A 69 5.47 0.51 -0.63
C VAL A 69 6.07 -0.77 -0.07
N PHE A 70 5.76 -1.87 -0.74
CA PHE A 70 6.26 -3.18 -0.32
C PHE A 70 7.77 -3.29 -0.42
N CYS A 71 8.41 -2.32 -1.10
CA CYS A 71 9.88 -2.27 -1.18
C CYS A 71 10.51 -2.13 0.24
N PHE A 72 9.72 -1.66 1.22
CA PHE A 72 10.22 -1.54 2.60
C PHE A 72 10.01 -2.81 3.45
N ALA A 73 9.42 -3.86 2.85
CA ALA A 73 9.27 -5.15 3.57
C ALA A 73 10.63 -5.68 3.98
N LYS A 74 10.67 -6.30 5.16
CA LYS A 74 11.84 -7.03 5.61
C LYS A 74 11.94 -8.34 4.83
N TYR A 75 12.91 -8.41 3.91
CA TYR A 75 13.14 -9.65 3.14
C TYR A 75 14.39 -10.36 3.62
N PRO A 76 14.31 -11.69 3.75
CA PRO A 76 15.53 -12.47 4.04
C PRO A 76 16.31 -12.60 2.74
N ARG A 77 17.60 -12.90 2.84
CA ARG A 77 18.45 -12.94 1.66
C ARG A 77 18.05 -14.00 0.62
N HIS A 78 17.35 -15.05 1.05
CA HIS A 78 17.09 -16.18 0.17
C HIS A 78 15.81 -16.08 -0.69
N ILE A 79 14.95 -15.10 -0.40
CA ILE A 79 13.76 -14.88 -1.22
C ILE A 79 14.04 -13.72 -2.17
N ALA A 80 13.86 -13.96 -3.48
CA ALA A 80 14.04 -12.91 -4.48
C ALA A 80 13.08 -11.79 -4.15
N ASP A 81 13.61 -10.58 -4.16
CA ASP A 81 12.88 -9.42 -3.68
C ASP A 81 12.56 -8.54 -4.89
N PHE A 82 11.37 -8.74 -5.44
CA PHE A 82 10.97 -8.03 -6.65
C PHE A 82 10.97 -6.51 -6.45
N PHE A 83 10.50 -6.09 -5.28
CA PHE A 83 10.22 -4.69 -5.02
C PHE A 83 11.50 -3.86 -4.90
N LYS A 84 12.58 -4.50 -4.47
CA LYS A 84 13.88 -3.80 -4.39
C LYS A 84 14.70 -4.03 -5.65
N SER A 85 14.59 -5.23 -6.23
CA SER A 85 15.40 -5.64 -7.40
C SER A 85 15.15 -4.72 -8.58
N THR A 86 13.91 -4.23 -8.66
CA THR A 86 13.45 -3.35 -9.77
C THR A 86 13.84 -1.87 -9.58
N GLN A 87 14.42 -1.56 -8.42
CA GLN A 87 14.90 -0.21 -8.15
C GLN A 87 16.37 -0.04 -8.64
N PRO A 88 16.80 1.22 -8.91
CA PRO A 88 16.05 2.47 -8.72
C PRO A 88 15.06 2.87 -9.84
N ASP A 89 15.01 2.12 -10.96
CA ASP A 89 14.08 2.52 -12.06
C ASP A 89 12.64 2.50 -11.58
N GLY A 90 12.32 1.46 -10.77
CA GLY A 90 11.01 1.37 -10.12
C GLY A 90 10.11 0.28 -10.65
N TYR A 91 8.91 0.19 -10.06
CA TYR A 91 7.89 -0.72 -10.54
C TYR A 91 6.51 -0.08 -10.59
N SER A 92 5.67 -0.58 -11.49
CA SER A 92 4.28 -0.22 -11.51
C SER A 92 3.54 -1.12 -10.51
N GLN A 93 2.55 -0.57 -9.83
CA GLN A 93 1.71 -1.34 -8.91
C GLN A 93 0.29 -0.88 -9.10
N ASP A 94 -0.48 -1.70 -9.82
CA ASP A 94 -1.87 -1.38 -10.14
C ASP A 94 -2.77 -2.42 -9.51
N ARG A 95 -3.90 -1.97 -9.00
CA ARG A 95 -4.84 -2.89 -8.34
C ARG A 95 -6.25 -2.43 -8.40
N ILE A 96 -7.17 -3.39 -8.44
CA ILE A 96 -8.59 -3.13 -8.22
C ILE A 96 -8.93 -3.60 -6.80
N ILE A 97 -9.46 -2.67 -6.00
CA ILE A 97 -9.88 -2.99 -4.65
C ILE A 97 -11.39 -3.03 -4.65
N SER A 98 -11.94 -4.23 -4.53
CA SER A 98 -13.38 -4.40 -4.54
C SER A 98 -13.90 -4.48 -3.13
N PHE A 99 -14.79 -3.56 -2.77
CA PHE A 99 -15.42 -3.59 -1.46
C PHE A 99 -16.70 -4.40 -1.51
N ASP A 100 -16.79 -5.46 -0.69
CA ASP A 100 -17.97 -6.33 -0.74
C ASP A 100 -19.24 -5.50 -0.58
N ASN A 101 -20.24 -5.85 -1.40
CA ASN A 101 -21.57 -5.21 -1.35
C ASN A 101 -21.49 -3.72 -1.70
N ASP A 102 -20.42 -3.32 -2.38
CA ASP A 102 -20.15 -1.91 -2.60
C ASP A 102 -19.28 -1.71 -3.86
N GLY A 103 -18.70 -0.52 -4.02
CA GLY A 103 -17.99 -0.17 -5.23
C GLY A 103 -16.55 -0.63 -5.21
N GLN A 104 -15.76 -0.04 -6.10
CA GLN A 104 -14.34 -0.41 -6.23
C GLN A 104 -13.44 0.79 -6.36
N TYR A 105 -12.20 0.66 -5.89
CA TYR A 105 -11.15 1.62 -6.23
C TYR A 105 -10.29 1.03 -7.34
N ASP A 106 -10.12 1.76 -8.42
CA ASP A 106 -9.17 1.40 -9.46
C ASP A 106 -7.92 2.22 -9.20
N VAL A 107 -6.86 1.54 -8.78
CA VAL A 107 -5.66 2.19 -8.25
C VAL A 107 -4.46 1.93 -9.15
N LYS A 108 -3.75 2.98 -9.49
CA LYS A 108 -2.59 2.86 -10.38
C LYS A 108 -1.45 3.62 -9.80
N ALA A 109 -0.31 2.98 -9.69
CA ALA A 109 0.84 3.59 -9.03
C ALA A 109 2.16 3.30 -9.74
N LYS A 110 3.09 4.23 -9.55
CA LYS A 110 4.50 3.95 -9.84
C LYS A 110 5.32 4.19 -8.58
N VAL A 111 6.22 3.25 -8.28
CA VAL A 111 6.99 3.32 -7.06
C VAL A 111 8.47 3.35 -7.44
N THR A 112 9.11 4.49 -7.17
CA THR A 112 10.44 4.81 -7.76
C THR A 112 11.38 5.42 -6.75
N TYR A 113 12.65 5.05 -6.86
CA TYR A 113 13.70 5.63 -6.03
C TYR A 113 14.28 6.79 -6.82
N GLU A 114 14.28 7.95 -6.20
CA GLU A 114 14.77 9.16 -6.89
C GLU A 114 15.68 9.91 -5.97
N ASN A 115 16.97 9.87 -6.28
CA ASN A 115 17.98 10.66 -5.56
C ASN A 115 17.86 10.50 -4.03
N GLY A 116 17.71 9.26 -3.58
CA GLY A 116 17.78 8.94 -2.15
C GLY A 116 16.45 8.80 -1.42
N THR A 117 15.36 9.16 -2.12
CA THR A 117 14.02 9.14 -1.54
C THR A 117 13.15 8.18 -2.33
N LEU A 118 12.30 7.43 -1.62
CA LEU A 118 11.39 6.52 -2.28
C LEU A 118 10.00 7.18 -2.45
N TYR A 119 9.51 7.22 -3.72
CA TYR A 119 8.25 7.85 -4.07
C TYR A 119 7.22 6.83 -4.46
N ASN A 120 6.02 7.00 -3.89
CA ASN A 120 4.85 6.31 -4.34
C ASN A 120 3.89 7.35 -4.89
N ARG A 121 3.69 7.36 -6.20
CA ARG A 121 2.77 8.31 -6.85
C ARG A 121 1.64 7.49 -7.43
N VAL A 122 0.43 7.83 -7.01
CA VAL A 122 -0.70 6.94 -7.21
C VAL A 122 -1.98 7.70 -7.60
N THR A 123 -2.79 7.12 -8.48
CA THR A 123 -4.13 7.65 -8.76
C THR A 123 -5.17 6.64 -8.29
N VAL A 124 -6.28 7.14 -7.76
CA VAL A 124 -7.38 6.28 -7.32
C VAL A 124 -8.64 6.76 -7.99
N LYS A 125 -9.36 5.84 -8.66
CA LYS A 125 -10.67 6.18 -9.26
C LYS A 125 -11.71 5.25 -8.64
N GLY A 126 -12.64 5.84 -7.87
CA GLY A 126 -13.64 5.06 -7.16
C GLY A 126 -14.97 5.18 -7.86
N THR A 127 -15.56 4.02 -8.21
CA THR A 127 -16.86 3.97 -8.91
C THR A 127 -17.72 2.86 -8.35
N GLY A 128 -19.02 2.94 -8.60
CA GLY A 128 -19.93 1.86 -8.22
C GLY A 128 -20.34 1.83 -6.76
N PHE A 129 -20.01 2.90 -6.01
CA PHE A 129 -20.30 2.92 -4.59
C PHE A 129 -21.76 3.12 -4.31
N LYS A 130 -22.22 2.47 -3.25
CA LYS A 130 -23.62 2.54 -2.83
C LYS A 130 -23.83 3.61 -1.77
N SER A 131 -24.91 4.39 -1.91
CA SER A 131 -25.20 5.46 -0.96
C SER A 131 -25.41 4.97 0.47
N ASN A 132 -25.93 3.75 0.62
CA ASN A 132 -26.16 3.16 1.96
C ASN A 132 -24.95 2.33 2.49
N GLY A 133 -23.84 2.35 1.74
CA GLY A 133 -22.67 1.57 2.08
C GLY A 133 -21.72 2.21 3.09
N ASN A 134 -20.75 1.42 3.56
CA ASN A 134 -19.80 1.85 4.61
C ASN A 134 -18.76 2.87 4.15
N ILE A 135 -18.55 2.95 2.84
CA ILE A 135 -17.48 3.81 2.33
C ILE A 135 -18.01 5.22 2.18
N LEU A 136 -19.04 5.40 1.33
CA LEU A 136 -19.72 6.74 1.24
C LEU A 136 -20.30 7.14 2.58
N GLY A 137 -20.81 6.16 3.33
CA GLY A 137 -21.41 6.39 4.65
C GLY A 137 -20.43 6.74 5.76
N MET A 138 -19.13 6.62 5.47
CA MET A 138 -18.08 6.95 6.45
C MET A 138 -18.25 6.15 7.75
N ARG A 139 -18.45 4.84 7.59
CA ARG A 139 -18.65 3.96 8.74
C ARG A 139 -17.51 2.97 8.95
N VAL A 140 -16.45 3.09 8.15
CA VAL A 140 -15.27 2.22 8.36
C VAL A 140 -14.42 2.85 9.48
N LEU A 141 -14.20 2.08 10.55
CA LEU A 141 -13.47 2.56 11.72
C LEU A 141 -12.00 2.92 11.42
N TYR A 142 -11.40 3.74 12.29
CA TYR A 142 -10.09 4.32 12.04
C TYR A 142 -8.96 3.40 12.52
N HIS A 143 -8.85 2.27 11.84
CA HIS A 143 -7.74 1.33 12.02
C HIS A 143 -7.70 0.32 10.89
N SER A 144 -6.52 -0.27 10.71
CA SER A 144 -6.34 -1.28 9.70
C SER A 144 -5.70 -2.49 10.39
N PRO A 145 -6.49 -3.58 10.58
CA PRO A 145 -5.99 -4.79 11.28
C PRO A 145 -4.83 -5.48 10.54
N PRO A 146 -4.18 -6.47 11.18
CA PRO A 146 -3.06 -7.11 10.48
C PRO A 146 -3.54 -8.03 9.39
N HIS A 147 -2.78 -8.11 8.31
CA HIS A 147 -3.21 -8.87 7.13
C HIS A 147 -2.06 -9.72 6.58
N ALA A 148 -2.42 -10.67 5.72
CA ALA A 148 -1.45 -11.48 4.99
C ALA A 148 -1.67 -11.28 3.49
N VAL A 149 -0.56 -11.14 2.78
CA VAL A 149 -0.57 -10.79 1.35
C VAL A 149 0.09 -11.92 0.54
N TYR A 150 -0.62 -12.41 -0.48
CA TYR A 150 -0.07 -13.42 -1.40
C TYR A 150 0.79 -12.79 -2.49
N ILE A 151 2.05 -13.24 -2.59
CA ILE A 151 2.96 -12.77 -3.62
C ILE A 151 3.21 -13.92 -4.57
N LEU A 152 2.65 -13.82 -5.79
CA LEU A 152 2.69 -14.92 -6.78
C LEU A 152 3.48 -14.53 -8.01
N PRO A 153 4.42 -15.41 -8.44
CA PRO A 153 5.14 -15.10 -9.70
C PRO A 153 4.19 -15.18 -10.86
N ASP A 154 4.33 -14.27 -11.81
CA ASP A 154 3.44 -14.25 -12.97
C ASP A 154 4.23 -13.94 -14.25
N ARG A 155 5.18 -14.82 -14.55
CA ARG A 155 6.10 -14.67 -15.71
C ARG A 155 5.35 -14.42 -17.03
N LYS A 156 4.22 -15.09 -17.20
CA LYS A 156 3.36 -14.93 -18.40
C LYS A 156 2.97 -13.47 -18.67
N ASN A 157 2.78 -12.68 -17.60
CA ASN A 157 2.47 -11.24 -17.77
C ASN A 157 3.62 -10.29 -17.40
N GLY A 158 4.80 -10.87 -17.21
CA GLY A 158 6.00 -10.10 -17.00
C GLY A 158 6.07 -9.44 -15.65
N GLY A 159 5.50 -10.08 -14.63
CA GLY A 159 5.59 -9.50 -13.29
C GLY A 159 5.03 -10.35 -12.20
N MET A 160 4.51 -9.69 -11.17
CA MET A 160 4.01 -10.39 -9.96
C MET A 160 2.54 -10.20 -9.82
N LYS A 161 1.85 -11.29 -9.51
CA LYS A 161 0.41 -11.27 -9.23
C LYS A 161 0.23 -11.24 -7.72
N ILE A 162 -0.46 -10.22 -7.22
CA ILE A 162 -0.62 -10.06 -5.77
C ILE A 162 -2.10 -10.08 -5.43
N GLU A 163 -2.46 -10.92 -4.43
CA GLU A 163 -3.85 -11.15 -4.08
C GLU A 163 -3.97 -11.14 -2.57
N TYR A 164 -4.88 -10.32 -2.06
CA TYR A 164 -5.13 -10.33 -0.62
C TYR A 164 -6.43 -9.70 -0.21
N ASN A 165 -6.85 -10.01 1.03
CA ASN A 165 -8.02 -9.39 1.64
C ASN A 165 -7.59 -8.43 2.74
N LYS A 166 -8.35 -7.35 2.84
CA LYS A 166 -8.34 -6.52 4.04
C LYS A 166 -9.70 -6.68 4.73
N ALA A 167 -9.68 -6.78 6.08
CA ALA A 167 -10.90 -7.01 6.85
C ALA A 167 -11.09 -5.85 7.80
N PHE A 168 -11.76 -4.79 7.33
CA PHE A 168 -11.98 -3.60 8.16
C PHE A 168 -13.11 -3.78 9.17
N ASP A 169 -13.06 -3.01 10.27
CA ASP A 169 -14.15 -2.97 11.21
C ASP A 169 -15.06 -1.79 10.89
N VAL A 170 -16.35 -2.00 11.09
CA VAL A 170 -17.37 -1.03 10.75
C VAL A 170 -18.12 -0.59 12.00
N MET A 171 -18.66 0.64 11.99
CA MET A 171 -19.52 1.14 13.11
C MET A 171 -20.67 0.18 13.39
N GLY A 172 -20.90 -0.09 14.67
CA GLY A 172 -22.01 -0.96 15.10
C GLY A 172 -21.62 -2.43 15.10
N GLY A 173 -20.34 -2.69 14.84
CA GLY A 173 -19.85 -4.04 14.73
C GLY A 173 -19.97 -4.51 13.31
N GLY A 174 -19.42 -5.67 13.04
CA GLY A 174 -19.40 -6.18 11.68
C GLY A 174 -18.19 -5.67 10.94
N HIS A 175 -18.05 -6.12 9.69
CA HIS A 175 -16.83 -5.94 8.93
C HIS A 175 -17.11 -5.40 7.55
N GLN A 176 -16.07 -4.86 6.92
CA GLN A 176 -16.11 -4.51 5.51
C GLN A 176 -14.89 -5.16 4.86
N MET A 177 -15.13 -6.13 3.97
CA MET A 177 -14.05 -6.81 3.26
C MET A 177 -13.65 -5.99 2.06
N ALA A 178 -12.34 -5.99 1.79
CA ALA A 178 -11.77 -5.26 0.66
C ALA A 178 -10.86 -6.19 -0.10
N ARG A 179 -11.29 -6.59 -1.29
CA ARG A 179 -10.58 -7.60 -2.07
C ARG A 179 -9.57 -6.93 -2.98
N HIS A 180 -8.28 -7.21 -2.77
CA HIS A 180 -7.22 -6.54 -3.52
C HIS A 180 -6.65 -7.47 -4.59
N ALA A 181 -6.85 -7.13 -5.86
CA ALA A 181 -6.30 -7.90 -6.99
C ALA A 181 -5.30 -7.00 -7.67
N GLN A 182 -4.01 -7.35 -7.56
CA GLN A 182 -2.94 -6.42 -7.86
C GLN A 182 -1.95 -7.01 -8.85
N PHE A 183 -1.36 -6.16 -9.68
CA PHE A 183 -0.27 -6.62 -10.54
C PHE A 183 0.89 -5.65 -10.49
N ASN A 184 2.11 -6.21 -10.39
CA ASN A 184 3.34 -5.41 -10.36
C ASN A 184 4.24 -5.75 -11.52
N LYS A 185 4.81 -4.72 -12.15
CA LYS A 185 5.68 -4.89 -13.30
C LYS A 185 6.86 -3.93 -13.17
N PRO A 186 8.06 -4.35 -13.59
CA PRO A 186 9.18 -3.38 -13.56
C PRO A 186 8.94 -2.22 -14.51
N LEU A 187 9.37 -1.03 -14.10
CA LEU A 187 9.33 0.13 -15.01
C LEU A 187 10.54 0.17 -15.95
N GLY A 188 11.67 -0.40 -15.50
CA GLY A 188 12.92 -0.28 -16.24
C GLY A 188 13.67 -1.59 -16.18
N ALA A 189 14.92 -1.52 -15.72
CA ALA A 189 15.80 -2.69 -15.68
C ALA A 189 15.32 -3.69 -14.65
N TRP A 190 15.45 -4.98 -14.99
CA TRP A 190 15.21 -6.07 -14.03
C TRP A 190 15.84 -7.35 -14.56
N GLU A 191 16.58 -8.03 -13.69
CA GLU A 191 17.25 -9.30 -14.09
C GLU A 191 16.31 -10.54 -14.20
N GLU A 192 15.03 -10.34 -13.92
CA GLU A 192 14.00 -11.39 -14.07
C GLU A 192 14.22 -12.60 -13.17
N ASP A 193 14.65 -12.32 -11.95
CA ASP A 193 14.79 -13.31 -10.92
C ASP A 193 13.41 -13.41 -10.23
N TYR A 194 12.53 -14.27 -10.77
CA TYR A 194 11.16 -14.44 -10.23
C TYR A 194 11.20 -15.14 -8.88
N PRO A 195 10.61 -14.51 -7.83
CA PRO A 195 10.52 -15.18 -6.54
C PRO A 195 9.58 -16.38 -6.61
N LEU A 196 9.79 -17.34 -5.70
CA LEU A 196 8.79 -18.36 -5.46
C LEU A 196 7.61 -17.71 -4.76
N TYR A 197 6.46 -18.35 -4.85
CA TYR A 197 5.30 -17.94 -4.09
C TYR A 197 5.66 -17.79 -2.61
N HIS A 198 5.33 -16.61 -2.05
CA HIS A 198 5.54 -16.35 -0.62
C HIS A 198 4.48 -15.37 -0.14
N HIS A 199 4.52 -15.06 1.16
CA HIS A 199 3.59 -14.07 1.72
C HIS A 199 4.32 -12.88 2.26
N LEU A 200 3.59 -11.77 2.37
CA LEU A 200 3.99 -10.67 3.26
C LEU A 200 2.98 -10.60 4.38
N THR A 201 3.45 -10.26 5.57
CA THR A 201 2.54 -9.90 6.63
C THR A 201 2.60 -8.38 6.85
N VAL A 202 1.46 -7.81 7.25
CA VAL A 202 1.41 -6.38 7.54
C VAL A 202 0.71 -6.13 8.88
N TRP A 203 1.33 -5.27 9.70
CA TRP A 203 0.72 -4.80 10.94
C TRP A 203 0.79 -3.27 10.93
N THR A 204 -0.29 -2.61 11.35
CA THR A 204 -0.35 -1.13 11.30
C THR A 204 -0.99 -0.53 12.54
N SER A 205 -0.42 0.60 13.00
CA SER A 205 -1.00 1.40 14.06
C SER A 205 -1.36 2.76 13.46
N PHE A 206 -2.60 3.23 13.72
CA PHE A 206 -3.06 4.56 13.25
C PHE A 206 -2.94 5.56 14.37
N GLY A 207 -2.61 6.80 14.01
CA GLY A 207 -2.60 7.89 15.00
C GLY A 207 -2.94 9.22 14.38
N LYS A 208 -2.79 10.27 15.20
CA LYS A 208 -2.88 11.66 14.77
C LYS A 208 -1.64 12.41 15.24
N ASP A 209 -1.32 13.50 14.55
CA ASP A 209 -0.25 14.42 14.96
C ASP A 209 -0.84 15.40 16.01
N PRO A 210 -0.41 15.27 17.30
CA PRO A 210 -0.98 16.11 18.36
C PRO A 210 -0.70 17.61 18.18
N ASP A 211 0.32 17.93 17.37
CA ASP A 211 0.67 19.31 17.08
C ASP A 211 -0.09 19.89 15.88
N ASP A 212 -0.91 19.06 15.22
CA ASP A 212 -1.62 19.49 14.01
C ASP A 212 -3.13 19.54 14.24
N ASP A 213 -3.65 20.74 14.52
CA ASP A 213 -5.09 20.95 14.72
C ASP A 213 -5.75 21.51 13.46
N GLU A 214 -5.02 21.54 12.35
CA GLU A 214 -5.53 22.20 11.14
C GLU A 214 -5.95 21.26 10.03
N THR A 215 -5.16 20.21 9.78
CA THR A 215 -5.40 19.34 8.61
C THR A 215 -6.13 18.04 8.96
N ASP A 216 -6.79 17.47 7.94
CA ASP A 216 -7.31 16.11 8.01
C ASP A 216 -6.14 15.22 7.58
N HIS A 217 -5.70 14.36 8.49
CA HIS A 217 -4.46 13.60 8.28
C HIS A 217 -4.45 12.27 9.00
N LEU A 218 -3.48 11.42 8.64
CA LEU A 218 -3.33 10.10 9.19
C LEU A 218 -1.86 9.91 9.50
N THR A 219 -1.54 9.42 10.70
CA THR A 219 -0.16 8.96 10.95
C THR A 219 -0.19 7.44 11.08
N ILE A 220 0.87 6.79 10.61
CA ILE A 220 1.00 5.33 10.80
C ILE A 220 2.38 4.93 11.28
N VAL A 221 2.40 3.82 12.02
CA VAL A 221 3.60 3.02 12.20
C VAL A 221 3.19 1.65 11.64
N GLU A 222 3.98 1.13 10.70
CA GLU A 222 3.59 -0.11 10.03
C GLU A 222 4.79 -1.02 9.90
N VAL A 223 4.54 -2.32 10.03
CA VAL A 223 5.61 -3.31 9.89
C VAL A 223 5.22 -4.33 8.80
N ILE A 224 6.08 -4.46 7.78
CA ILE A 224 5.84 -5.41 6.70
C ILE A 224 7.00 -6.40 6.60
N LYS A 225 6.67 -7.68 6.51
CA LYS A 225 7.71 -8.74 6.53
C LYS A 225 7.41 -9.81 5.51
N ALA A 226 8.44 -10.25 4.78
CA ALA A 226 8.29 -11.42 3.88
C ALA A 226 8.31 -12.68 4.72
N VAL A 227 7.49 -13.66 4.31
CA VAL A 227 7.35 -14.91 5.04
C VAL A 227 7.66 -16.05 4.07
N ASP A 228 8.61 -16.91 4.48
CA ASP A 228 8.94 -18.11 3.74
C ASP A 228 7.90 -19.15 4.09
N LEU A 229 7.19 -19.67 3.09
CA LEU A 229 6.06 -20.55 3.36
C LEU A 229 6.50 -21.92 3.89
N GLU A 230 7.80 -22.20 3.86
CA GLU A 230 8.26 -23.44 4.50
C GLU A 230 8.03 -23.38 6.02
N THR A 231 7.84 -22.16 6.57
CA THR A 231 7.54 -22.02 8.01
C THR A 231 6.13 -22.49 8.32
N TYR A 232 5.31 -22.66 7.29
CA TYR A 232 3.94 -23.16 7.50
C TYR A 232 3.90 -24.68 7.65
N ARG A 233 4.93 -25.35 7.11
CA ARG A 233 5.08 -26.81 7.24
C ARG A 233 5.35 -27.20 8.69
#